data_7BPD
#
_entry.id   7BPD
#
_cell.length_a   116.175
_cell.length_b   54.535
_cell.length_c   52.107
_cell.angle_alpha   90.000
_cell.angle_beta   116.680
_cell.angle_gamma   90.000
#
_symmetry.space_group_name_H-M   'C 1 2 1'
#
loop_
_entity.id
_entity.type
_entity.pdbx_description
1 polymer 'Deoxyuridine triphosphatase'
2 water water
#
_entity_poly.entity_id   1
_entity_poly.type   'polypeptide(L)'
_entity_poly.pdbx_seq_one_letter_code
;MSLSRGCRGAKTQVISPSKRARPAEESRKRLRFARLSEHATAPTKGSERAAGYDLYSAYDYTVLPMEKAIVKTDIQIALP
SGCYGRVAPRSGLAAKHFIDVGAGVIDEDYRGNVGVVLFNFGKEKFEVKKGDRIAQLICERIFYPEIEEVQVLDDTKRGS
GGFGSTGTN
;
_entity_poly.pdbx_strand_id   A,B
#
# COMPACT_ATOMS: atom_id res chain seq x y z
N ALA A 24 -5.58 -5.69 26.16
CA ALA A 24 -6.71 -6.66 26.22
C ALA A 24 -7.38 -6.78 24.84
N GLU A 25 -8.41 -7.62 24.72
CA GLU A 25 -9.03 -8.04 23.42
C GLU A 25 -9.79 -6.87 22.79
N GLU A 26 -10.10 -5.81 23.55
CA GLU A 26 -10.77 -4.57 23.05
C GLU A 26 -9.69 -3.56 22.59
N SER A 27 -8.58 -3.45 23.33
CA SER A 27 -7.41 -2.60 22.98
C SER A 27 -6.61 -3.28 21.85
N ARG A 28 -6.73 -4.60 21.74
CA ARG A 28 -6.23 -5.40 20.58
C ARG A 28 -6.81 -4.85 19.27
N LYS A 29 -8.02 -4.28 19.29
CA LYS A 29 -8.63 -3.69 18.08
C LYS A 29 -7.97 -2.34 17.78
N ARG A 30 -7.38 -1.66 18.78
CA ARG A 30 -6.84 -0.28 18.65
C ARG A 30 -5.36 -0.31 18.25
N LEU A 31 -4.87 0.78 17.68
CA LEU A 31 -3.42 1.06 17.59
C LEU A 31 -2.93 1.43 19.00
N ARG A 32 -2.07 0.62 19.58
CA ARG A 32 -1.49 0.93 20.91
C ARG A 32 -0.05 1.39 20.71
N PHE A 33 0.38 2.37 21.49
CA PHE A 33 1.76 2.86 21.44
C PHE A 33 2.19 3.23 22.87
N ALA A 34 3.49 3.29 23.05
CA ALA A 34 4.14 3.80 24.28
C ALA A 34 5.28 4.70 23.86
N ARG A 35 5.54 5.76 24.65
CA ARG A 35 6.68 6.67 24.38
C ARG A 35 7.98 6.07 24.90
N LEU A 36 9.05 6.12 24.12
CA LEU A 36 10.38 5.66 24.59
C LEU A 36 11.23 6.85 25.05
N SER A 37 10.78 8.08 24.84
CA SER A 37 11.50 9.30 25.30
C SER A 37 10.53 10.45 25.35
N GLU A 38 10.96 11.56 25.95
CA GLU A 38 10.20 12.84 26.02
C GLU A 38 10.02 13.45 24.62
N HIS A 39 10.85 13.06 23.64
CA HIS A 39 10.91 13.67 22.29
C HIS A 39 9.85 13.09 21.33
N ALA A 40 9.15 12.02 21.72
CA ALA A 40 8.16 11.32 20.86
C ALA A 40 6.89 12.16 20.75
N THR A 41 6.29 12.17 19.55
CA THR A 41 4.95 12.70 19.26
C THR A 41 4.01 11.51 19.07
N ALA A 42 2.87 11.52 19.74
CA ALA A 42 1.85 10.48 19.64
C ALA A 42 1.51 10.33 18.16
N PRO A 43 1.41 9.07 17.68
CA PRO A 43 0.95 8.85 16.32
C PRO A 43 -0.45 9.47 16.40
N THR A 44 -0.88 10.14 15.34
CA THR A 44 -2.28 10.60 15.23
C THR A 44 -2.81 10.05 13.91
N LYS A 45 -4.09 9.75 13.85
CA LYS A 45 -4.76 9.46 12.55
C LYS A 45 -4.60 10.66 11.61
N GLY A 46 -4.09 10.43 10.41
CA GLY A 46 -4.02 11.42 9.31
C GLY A 46 -5.40 11.82 8.86
N SER A 47 -5.52 12.98 8.20
CA SER A 47 -6.81 13.62 7.77
C SER A 47 -7.31 12.95 6.52
N GLU A 48 -6.38 12.74 5.60
CA GLU A 48 -6.63 12.34 4.20
C GLU A 48 -7.17 10.90 4.17
N ARG A 49 -8.01 10.61 3.18
CA ARG A 49 -8.43 9.21 2.90
C ARG A 49 -7.18 8.32 2.79
N ALA A 50 -7.20 7.15 3.42
CA ALA A 50 -6.10 6.17 3.32
C ALA A 50 -4.77 6.79 3.80
N ALA A 51 -4.79 7.75 4.75
CA ALA A 51 -3.55 8.33 5.35
C ALA A 51 -2.99 7.33 6.37
N GLY A 52 -3.82 6.50 6.98
CA GLY A 52 -3.44 5.70 8.15
C GLY A 52 -3.01 6.60 9.28
N TYR A 53 -1.92 6.25 9.95
CA TYR A 53 -1.42 6.95 11.16
C TYR A 53 -0.15 7.73 10.83
N ASP A 54 -0.07 8.97 11.30
CA ASP A 54 1.09 9.87 11.08
C ASP A 54 2.23 9.45 12.00
N LEU A 55 3.45 9.40 11.47
CA LEU A 55 4.69 9.12 12.23
C LEU A 55 5.54 10.39 12.21
N TYR A 56 6.09 10.73 13.37
CA TYR A 56 6.82 11.99 13.64
C TYR A 56 8.26 11.60 14.03
N SER A 57 9.25 12.34 13.52
CA SER A 57 10.65 12.20 13.99
C SER A 57 10.78 12.75 15.40
N ALA A 58 11.59 12.10 16.25
CA ALA A 58 11.91 12.57 17.61
C ALA A 58 13.20 13.40 17.61
N TYR A 59 13.90 13.46 16.47
CA TYR A 59 15.25 14.08 16.35
C TYR A 59 15.35 14.82 15.02
N ASP A 60 16.28 15.78 14.98
CA ASP A 60 16.80 16.48 13.78
C ASP A 60 17.73 15.52 13.04
N TYR A 61 17.65 15.49 11.72
CA TYR A 61 18.60 14.73 10.87
C TYR A 61 18.93 15.59 9.65
N THR A 62 20.17 15.47 9.18
CA THR A 62 20.65 15.99 7.87
C THR A 62 21.04 14.79 7.01
N VAL A 63 20.30 14.52 5.93
CA VAL A 63 20.52 13.32 5.07
C VAL A 63 21.18 13.79 3.78
N LEU A 64 22.51 13.66 3.70
CA LEU A 64 23.29 14.17 2.54
C LEU A 64 23.03 13.27 1.33
N PRO A 65 23.19 13.80 0.10
CA PRO A 65 22.94 13.02 -1.11
C PRO A 65 23.58 11.62 -1.02
N MET A 66 22.90 10.62 -1.56
CA MET A 66 23.40 9.22 -1.70
C MET A 66 23.61 8.59 -0.31
N GLU A 67 23.07 9.17 0.76
CA GLU A 67 23.18 8.60 2.13
C GLU A 67 21.85 8.00 2.58
N LYS A 68 21.92 6.90 3.33
CA LYS A 68 20.78 6.28 4.06
C LYS A 68 20.63 7.01 5.40
N ALA A 69 19.50 6.81 6.09
CA ALA A 69 19.23 7.37 7.44
C ALA A 69 18.07 6.59 8.07
N ILE A 70 18.17 6.28 9.36
CA ILE A 70 17.06 5.63 10.13
C ILE A 70 16.51 6.66 11.11
N VAL A 71 15.34 7.19 10.81
CA VAL A 71 14.66 8.27 11.58
C VAL A 71 13.88 7.63 12.72
N LYS A 72 14.30 7.87 13.96
CA LYS A 72 13.69 7.27 15.18
C LYS A 72 12.45 8.08 15.53
N THR A 73 11.33 7.40 15.79
CA THR A 73 10.08 8.01 16.31
C THR A 73 10.12 8.02 17.84
N ASP A 74 10.94 7.19 18.45
CA ASP A 74 10.90 6.96 19.92
C ASP A 74 9.46 6.59 20.34
N ILE A 75 8.73 5.84 19.51
CA ILE A 75 7.55 5.08 19.99
C ILE A 75 7.71 3.59 19.70
N GLN A 76 7.11 2.78 20.56
CA GLN A 76 6.77 1.37 20.26
C GLN A 76 5.27 1.28 19.99
N ILE A 77 4.90 0.34 19.14
CA ILE A 77 3.53 0.21 18.60
C ILE A 77 3.13 -1.24 18.58
N ALA A 78 1.88 -1.50 18.96
CA ALA A 78 1.19 -2.79 18.72
C ALA A 78 0.06 -2.50 17.74
N LEU A 79 0.16 -3.05 16.53
CA LEU A 79 -0.81 -2.78 15.43
C LEU A 79 -2.17 -3.31 15.85
N PRO A 80 -3.28 -2.71 15.35
CA PRO A 80 -4.61 -3.26 15.59
C PRO A 80 -4.67 -4.63 14.92
N SER A 81 -5.59 -5.50 15.35
CA SER A 81 -5.85 -6.82 14.70
C SER A 81 -6.31 -6.57 13.26
N GLY A 82 -5.94 -7.43 12.31
CA GLY A 82 -6.33 -7.28 10.89
C GLY A 82 -5.27 -6.51 10.11
N CYS A 83 -4.28 -5.93 10.80
CA CYS A 83 -3.39 -4.90 10.22
C CYS A 83 -2.00 -5.47 9.89
N TYR A 84 -1.67 -5.49 8.60
CA TYR A 84 -0.31 -5.72 8.06
C TYR A 84 0.30 -4.34 7.86
N GLY A 85 1.19 -3.94 8.79
CA GLY A 85 1.70 -2.56 8.87
C GLY A 85 2.72 -2.27 7.79
N ARG A 86 2.56 -1.14 7.11
CA ARG A 86 3.51 -0.71 6.05
C ARG A 86 3.85 0.77 6.28
N VAL A 87 5.12 1.12 6.27
CA VAL A 87 5.57 2.54 6.35
C VAL A 87 5.54 3.11 4.92
N ALA A 88 4.63 4.04 4.66
CA ALA A 88 4.49 4.71 3.35
C ALA A 88 4.97 6.15 3.48
N PRO A 89 5.55 6.72 2.41
CA PRO A 89 6.11 8.08 2.50
C PRO A 89 5.08 9.11 3.02
N ARG A 90 5.57 10.16 3.68
CA ARG A 90 4.78 11.35 4.08
C ARG A 90 3.84 11.74 2.92
N SER A 91 4.40 11.80 1.69
CA SER A 91 3.75 12.08 0.38
C SER A 91 4.59 13.12 -0.36
N GLY A 92 4.47 14.40 0.03
CA GLY A 92 5.44 15.47 -0.30
C GLY A 92 6.77 15.20 0.39
N LEU A 93 7.44 14.11 0.00
CA LEU A 93 8.65 13.55 0.64
C LEU A 93 9.26 12.48 -0.29
N ALA A 94 8.52 11.41 -0.59
CA ALA A 94 8.84 10.42 -1.66
C ALA A 94 9.10 11.17 -2.96
N ALA A 95 8.33 12.26 -3.15
CA ALA A 95 8.46 13.24 -4.24
C ALA A 95 9.26 14.48 -3.88
N LYS A 96 8.69 15.37 -3.05
CA LYS A 96 9.21 16.72 -2.71
C LYS A 96 10.70 17.00 -2.49
N HIS A 97 11.46 16.02 -1.98
CA HIS A 97 12.92 16.18 -1.73
C HIS A 97 13.72 15.00 -2.28
N PHE A 98 13.18 14.24 -3.24
CA PHE A 98 13.85 13.04 -3.84
C PHE A 98 14.30 12.09 -2.73
N ILE A 99 13.35 11.46 -2.01
CA ILE A 99 13.63 10.55 -0.86
C ILE A 99 12.85 9.24 -1.02
N ASP A 100 13.56 8.10 -1.09
CA ASP A 100 12.97 6.75 -0.88
C ASP A 100 12.59 6.62 0.59
N VAL A 101 11.41 6.05 0.87
CA VAL A 101 10.92 5.72 2.25
C VAL A 101 10.60 4.23 2.27
N GLY A 102 11.45 3.45 2.95
CA GLY A 102 11.32 1.99 3.05
C GLY A 102 9.98 1.59 3.61
N ALA A 103 9.25 0.71 2.89
CA ALA A 103 8.04 0.00 3.36
C ALA A 103 8.32 -0.57 4.75
N GLY A 104 9.59 -0.88 5.00
CA GLY A 104 10.15 -1.23 6.33
C GLY A 104 9.08 -1.83 7.20
N VAL A 105 8.35 -2.80 6.62
CA VAL A 105 7.06 -3.37 7.12
C VAL A 105 7.20 -3.68 8.61
N ILE A 106 6.08 -3.67 9.33
CA ILE A 106 6.04 -3.80 10.81
C ILE A 106 5.31 -5.09 11.19
N ASP A 107 6.02 -5.97 11.92
CA ASP A 107 5.48 -7.23 12.50
C ASP A 107 4.39 -6.86 13.52
N GLU A 108 3.39 -7.71 13.69
CA GLU A 108 2.30 -7.53 14.70
C GLU A 108 2.88 -7.67 16.11
N ASP A 109 4.12 -8.19 16.26
CA ASP A 109 4.83 -8.33 17.56
C ASP A 109 6.23 -7.67 17.53
N TYR A 110 6.43 -6.61 16.74
CA TYR A 110 7.64 -5.73 16.79
C TYR A 110 7.45 -4.62 17.83
N ARG A 111 8.26 -4.62 18.90
CA ARG A 111 8.15 -3.69 20.07
C ARG A 111 9.39 -2.81 20.18
N GLY A 112 10.22 -2.78 19.13
CA GLY A 112 11.37 -1.88 19.05
C GLY A 112 10.92 -0.46 18.79
N ASN A 113 11.82 0.49 19.05
CA ASN A 113 11.75 1.88 18.53
C ASN A 113 11.42 1.81 17.04
N VAL A 114 10.29 2.37 16.65
CA VAL A 114 9.88 2.45 15.23
C VAL A 114 10.78 3.48 14.53
N GLY A 115 11.56 3.02 13.56
CA GLY A 115 12.44 3.83 12.70
C GLY A 115 11.90 3.88 11.30
N VAL A 116 12.13 4.97 10.56
CA VAL A 116 11.76 5.10 9.13
C VAL A 116 13.05 5.26 8.32
N VAL A 117 13.29 4.38 7.36
CA VAL A 117 14.53 4.44 6.51
C VAL A 117 14.32 5.46 5.37
N LEU A 118 15.16 6.49 5.31
CA LEU A 118 15.22 7.50 4.22
C LEU A 118 16.53 7.33 3.46
N PHE A 119 16.47 7.38 2.13
CA PHE A 119 17.64 7.46 1.23
C PHE A 119 17.51 8.72 0.37
N ASN A 120 18.41 9.69 0.56
CA ASN A 120 18.58 10.87 -0.33
C ASN A 120 19.14 10.38 -1.69
N PHE A 121 18.28 10.32 -2.71
CA PHE A 121 18.66 9.99 -4.11
C PHE A 121 18.71 11.29 -4.93
N GLY A 122 18.67 12.44 -4.24
CA GLY A 122 18.73 13.79 -4.83
C GLY A 122 20.12 14.39 -4.68
N LYS A 123 20.30 15.64 -5.15
CA LYS A 123 21.62 16.33 -5.26
C LYS A 123 21.77 17.36 -4.14
N GLU A 124 20.69 17.73 -3.46
CA GLU A 124 20.73 18.64 -2.27
C GLU A 124 20.35 17.82 -1.03
N LYS A 125 21.04 18.09 0.08
CA LYS A 125 20.75 17.50 1.42
C LYS A 125 19.27 17.71 1.73
N PHE A 126 18.66 16.73 2.41
CA PHE A 126 17.28 16.80 2.95
C PHE A 126 17.38 17.00 4.46
N GLU A 127 16.53 17.87 5.00
CA GLU A 127 16.53 18.26 6.43
C GLU A 127 15.27 17.70 7.10
N VAL A 128 15.46 16.99 8.22
CA VAL A 128 14.38 16.51 9.13
C VAL A 128 14.58 17.25 10.45
N LYS A 129 13.52 17.87 10.99
CA LYS A 129 13.53 18.48 12.35
C LYS A 129 12.71 17.62 13.30
N LYS A 130 13.11 17.60 14.58
CA LYS A 130 12.34 17.01 15.68
C LYS A 130 10.87 17.44 15.51
N GLY A 131 9.94 16.48 15.57
CA GLY A 131 8.50 16.78 15.45
C GLY A 131 8.00 16.81 14.03
N ASP A 132 8.85 16.72 13.01
CA ASP A 132 8.38 16.65 11.59
C ASP A 132 7.62 15.34 11.34
N ARG A 133 6.54 15.41 10.55
CA ARG A 133 5.87 14.21 9.97
C ARG A 133 6.83 13.57 8.95
N ILE A 134 7.23 12.32 9.15
CA ILE A 134 8.26 11.66 8.29
C ILE A 134 7.62 10.58 7.41
N ALA A 135 6.45 10.06 7.79
CA ALA A 135 5.84 8.93 7.08
C ALA A 135 4.41 8.72 7.55
N GLN A 136 3.74 7.81 6.87
CA GLN A 136 2.40 7.30 7.25
C GLN A 136 2.55 5.82 7.58
N LEU A 137 1.82 5.37 8.58
CA LEU A 137 1.65 3.92 8.88
C LEU A 137 0.29 3.46 8.32
N ILE A 138 0.37 2.66 7.27
CA ILE A 138 -0.80 2.13 6.51
C ILE A 138 -1.05 0.72 7.01
N CYS A 139 -2.30 0.28 6.97
CA CYS A 139 -2.70 -1.09 7.34
C CYS A 139 -3.17 -1.79 6.08
N GLU A 140 -2.47 -2.86 5.69
CA GLU A 140 -3.00 -3.77 4.63
C GLU A 140 -3.72 -4.93 5.34
N ARG A 141 -4.54 -5.64 4.58
CA ARG A 141 -5.35 -6.77 5.09
C ARG A 141 -4.40 -7.93 5.38
N ILE A 142 -4.69 -8.68 6.43
CA ILE A 142 -3.88 -9.84 6.88
C ILE A 142 -4.29 -11.03 6.00
N PHE A 143 -5.59 -11.28 5.96
CA PHE A 143 -6.19 -12.44 5.26
C PHE A 143 -7.04 -11.94 4.06
N TYR A 144 -6.66 -12.30 2.84
CA TYR A 144 -7.44 -12.01 1.59
C TYR A 144 -8.48 -13.10 1.40
N PRO A 145 -9.77 -12.72 1.43
CA PRO A 145 -10.89 -13.64 1.22
C PRO A 145 -10.80 -14.36 -0.13
N GLU A 146 -11.33 -15.57 -0.18
CA GLU A 146 -11.38 -16.32 -1.47
C GLU A 146 -12.28 -15.57 -2.44
N ILE A 147 -12.05 -15.86 -3.72
CA ILE A 147 -12.72 -15.21 -4.87
C ILE A 147 -13.99 -16.01 -5.20
N GLU A 148 -15.07 -15.29 -5.51
CA GLU A 148 -16.34 -15.88 -5.96
C GLU A 148 -16.68 -15.33 -7.34
N GLU A 149 -16.99 -16.22 -8.25
CA GLU A 149 -17.41 -15.82 -9.60
C GLU A 149 -18.94 -15.72 -9.65
N VAL A 150 -19.42 -14.68 -10.32
CA VAL A 150 -20.84 -14.54 -10.73
C VAL A 150 -20.82 -14.16 -12.22
N GLN A 151 -22.01 -14.13 -12.81
CA GLN A 151 -22.18 -13.77 -14.23
C GLN A 151 -22.18 -12.26 -14.40
N VAL A 152 -22.97 -11.56 -13.60
CA VAL A 152 -23.09 -10.09 -13.68
C VAL A 152 -23.05 -9.57 -12.26
N LEU A 153 -22.31 -8.50 -12.07
CA LEU A 153 -22.26 -7.85 -10.76
C LEU A 153 -23.44 -6.88 -10.53
N ASP A 154 -24.28 -7.36 -9.62
CA ASP A 154 -25.37 -6.63 -8.93
C ASP A 154 -24.61 -5.77 -7.91
N ASP A 155 -24.68 -4.44 -8.04
CA ASP A 155 -23.98 -3.48 -7.15
C ASP A 155 -23.94 -4.03 -5.71
N ALA B 24 -28.33 -10.37 3.08
CA ALA B 24 -27.60 -9.07 2.98
C ALA B 24 -26.15 -9.24 3.44
N GLU B 25 -25.18 -9.07 2.52
CA GLU B 25 -23.71 -9.08 2.75
C GLU B 25 -23.18 -10.51 2.94
N GLU B 26 -23.98 -11.54 2.65
CA GLU B 26 -23.57 -12.98 2.71
C GLU B 26 -23.05 -13.36 1.32
N SER B 27 -21.73 -13.12 1.11
CA SER B 27 -20.98 -13.11 -0.19
C SER B 27 -20.14 -11.81 -0.26
N ARG B 28 -20.55 -10.77 0.48
CA ARG B 28 -19.77 -9.52 0.60
C ARG B 28 -18.46 -9.75 1.39
N LYS B 29 -18.35 -10.83 2.16
CA LYS B 29 -17.05 -11.29 2.74
C LYS B 29 -16.02 -11.46 1.62
N ARG B 30 -16.45 -11.97 0.45
CA ARG B 30 -15.53 -12.48 -0.59
C ARG B 30 -15.24 -11.38 -1.62
N LEU B 31 -14.13 -11.56 -2.34
CA LEU B 31 -13.86 -10.91 -3.64
C LEU B 31 -14.80 -11.54 -4.69
N ARG B 32 -15.75 -10.77 -5.18
CA ARG B 32 -16.67 -11.25 -6.26
C ARG B 32 -16.23 -10.61 -7.56
N PHE B 33 -16.26 -11.37 -8.65
CA PHE B 33 -15.93 -10.89 -10.00
C PHE B 33 -16.87 -11.54 -11.01
N ALA B 34 -16.99 -10.90 -12.15
CA ALA B 34 -17.67 -11.45 -13.34
C ALA B 34 -16.81 -11.22 -14.57
N ARG B 35 -16.87 -12.14 -15.52
CA ARG B 35 -16.15 -12.04 -16.80
C ARG B 35 -16.92 -11.16 -17.78
N LEU B 36 -16.22 -10.23 -18.42
CA LEU B 36 -16.84 -9.37 -19.45
C LEU B 36 -16.52 -9.89 -20.85
N SER B 37 -15.61 -10.85 -20.98
CA SER B 37 -15.26 -11.49 -22.27
C SER B 37 -14.68 -12.86 -22.00
N GLU B 38 -14.55 -13.70 -23.05
CA GLU B 38 -13.84 -15.00 -22.97
C GLU B 38 -12.35 -14.79 -22.74
N HIS B 39 -11.80 -13.59 -22.96
CA HIS B 39 -10.33 -13.31 -22.87
C HIS B 39 -9.88 -13.09 -21.41
N ALA B 40 -10.81 -13.01 -20.44
CA ALA B 40 -10.53 -12.69 -19.02
C ALA B 40 -10.04 -13.94 -18.29
N THR B 41 -9.05 -13.76 -17.42
CA THR B 41 -8.53 -14.73 -16.45
C THR B 41 -9.05 -14.38 -15.05
N ALA B 42 -9.67 -15.33 -14.37
CA ALA B 42 -10.14 -15.20 -12.98
C ALA B 42 -9.00 -14.59 -12.14
N PRO B 43 -9.30 -13.56 -11.35
CA PRO B 43 -8.31 -13.03 -10.42
C PRO B 43 -8.04 -14.29 -9.57
N THR B 44 -6.81 -14.50 -9.16
CA THR B 44 -6.48 -15.52 -8.13
C THR B 44 -5.68 -14.85 -7.02
N LYS B 45 -5.82 -15.31 -5.79
CA LYS B 45 -4.90 -14.92 -4.66
C LYS B 45 -3.45 -15.23 -5.05
N GLY B 46 -2.58 -14.22 -5.05
CA GLY B 46 -1.13 -14.37 -5.23
C GLY B 46 -0.53 -15.18 -4.08
N SER B 47 0.67 -15.70 -4.26
CA SER B 47 1.36 -16.67 -3.37
C SER B 47 2.03 -15.94 -2.23
N GLU B 48 2.69 -14.86 -2.59
CA GLU B 48 3.60 -14.10 -1.71
C GLU B 48 2.78 -13.45 -0.59
N ARG B 49 3.42 -13.24 0.56
CA ARG B 49 2.82 -12.41 1.64
C ARG B 49 2.39 -11.06 1.07
N ALA B 50 1.19 -10.60 1.41
CA ALA B 50 0.68 -9.28 1.00
C ALA B 50 0.66 -9.11 -0.54
N ALA B 51 0.52 -10.19 -1.33
CA ALA B 51 0.38 -10.10 -2.82
C ALA B 51 -1.03 -9.62 -3.19
N GLY B 52 -2.02 -9.82 -2.32
CA GLY B 52 -3.43 -9.63 -2.65
C GLY B 52 -3.85 -10.52 -3.80
N TYR B 53 -4.59 -9.98 -4.76
CA TYR B 53 -5.20 -10.74 -5.88
C TYR B 53 -4.42 -10.42 -7.16
N ASP B 54 -4.11 -11.46 -7.94
CA ASP B 54 -3.41 -11.34 -9.25
C ASP B 54 -4.39 -10.76 -10.27
N LEU B 55 -3.96 -9.74 -11.03
CA LEU B 55 -4.74 -9.20 -12.17
C LEU B 55 -4.01 -9.56 -13.46
N TYR B 56 -4.77 -9.96 -14.47
CA TYR B 56 -4.30 -10.52 -15.75
C TYR B 56 -4.79 -9.65 -16.92
N SER B 57 -3.93 -9.32 -17.87
CA SER B 57 -4.33 -8.67 -19.15
C SER B 57 -5.17 -9.62 -19.99
N ALA B 58 -6.24 -9.11 -20.61
CA ALA B 58 -7.14 -9.86 -21.51
C ALA B 58 -6.69 -9.70 -22.97
N TYR B 59 -5.69 -8.83 -23.21
CA TYR B 59 -5.22 -8.45 -24.57
C TYR B 59 -3.70 -8.33 -24.56
N ASP B 60 -3.16 -8.30 -25.78
CA ASP B 60 -1.77 -7.93 -26.14
C ASP B 60 -1.67 -6.41 -26.20
N TYR B 61 -0.57 -5.87 -25.68
CA TYR B 61 -0.27 -4.42 -25.72
C TYR B 61 1.23 -4.27 -26.01
N THR B 62 1.57 -3.26 -26.82
CA THR B 62 2.93 -2.73 -27.02
C THR B 62 2.94 -1.29 -26.52
N VAL B 63 3.76 -0.97 -25.52
CA VAL B 63 3.76 0.35 -24.83
C VAL B 63 5.11 1.02 -25.11
N LEU B 64 5.16 1.88 -26.14
CA LEU B 64 6.41 2.56 -26.59
C LEU B 64 6.84 3.53 -25.50
N PRO B 65 8.16 3.87 -25.43
CA PRO B 65 8.64 4.87 -24.48
C PRO B 65 7.78 6.14 -24.50
N MET B 66 7.57 6.75 -23.32
CA MET B 66 6.88 8.04 -23.12
C MET B 66 5.36 7.87 -23.33
N GLU B 67 4.86 6.64 -23.50
CA GLU B 67 3.42 6.37 -23.76
C GLU B 67 2.71 5.82 -22.52
N LYS B 68 1.48 6.24 -22.31
CA LYS B 68 0.55 5.67 -21.31
C LYS B 68 -0.31 4.60 -22.00
N ALA B 69 -0.71 3.55 -21.25
CA ALA B 69 -1.59 2.46 -21.73
C ALA B 69 -2.58 2.06 -20.64
N ILE B 70 -3.83 1.76 -21.00
CA ILE B 70 -4.87 1.27 -20.06
C ILE B 70 -5.16 -0.20 -20.38
N VAL B 71 -4.58 -1.09 -19.58
CA VAL B 71 -4.63 -2.56 -19.80
C VAL B 71 -5.92 -3.12 -19.20
N LYS B 72 -6.79 -3.65 -20.05
CA LYS B 72 -8.14 -4.14 -19.66
C LYS B 72 -7.98 -5.57 -19.19
N THR B 73 -8.63 -5.90 -18.06
CA THR B 73 -8.72 -7.26 -17.48
C THR B 73 -9.98 -7.95 -18.00
N ASP B 74 -10.93 -7.18 -18.53
CA ASP B 74 -12.24 -7.76 -18.91
C ASP B 74 -12.84 -8.53 -17.71
N ILE B 75 -12.61 -8.06 -16.49
CA ILE B 75 -13.43 -8.44 -15.32
C ILE B 75 -14.01 -7.19 -14.65
N GLN B 76 -15.16 -7.40 -14.02
CA GLN B 76 -15.71 -6.46 -13.01
C GLN B 76 -15.55 -7.09 -11.64
N ILE B 77 -15.37 -6.28 -10.62
CA ILE B 77 -15.01 -6.72 -9.25
C ILE B 77 -15.88 -5.99 -8.24
N ALA B 78 -16.37 -6.72 -7.25
CA ALA B 78 -16.91 -6.17 -5.99
C ALA B 78 -15.92 -6.55 -4.91
N LEU B 79 -15.34 -5.56 -4.25
CA LEU B 79 -14.30 -5.81 -3.22
C LEU B 79 -14.93 -6.44 -1.99
N PRO B 80 -14.17 -7.20 -1.20
CA PRO B 80 -14.67 -7.67 0.09
C PRO B 80 -14.93 -6.48 1.00
N SER B 81 -15.75 -6.66 2.06
CA SER B 81 -15.87 -5.76 3.24
C SER B 81 -14.48 -5.36 3.73
N GLY B 82 -14.28 -4.11 4.18
CA GLY B 82 -13.05 -3.70 4.87
C GLY B 82 -11.96 -3.31 3.88
N CYS B 83 -12.23 -3.47 2.58
CA CYS B 83 -11.19 -3.37 1.53
C CYS B 83 -11.28 -2.02 0.80
N TYR B 84 -10.25 -1.20 1.00
CA TYR B 84 -9.88 -0.04 0.16
C TYR B 84 -8.94 -0.57 -0.91
N GLY B 85 -9.43 -0.77 -2.14
CA GLY B 85 -8.68 -1.48 -3.19
C GLY B 85 -7.65 -0.57 -3.85
N ARG B 86 -6.44 -1.07 -4.02
CA ARG B 86 -5.29 -0.35 -4.62
C ARG B 86 -4.67 -1.28 -5.67
N VAL B 87 -4.44 -0.78 -6.88
CA VAL B 87 -3.67 -1.54 -7.91
C VAL B 87 -2.18 -1.28 -7.68
N ALA B 88 -1.45 -2.29 -7.22
CA ALA B 88 0.01 -2.23 -7.02
C ALA B 88 0.67 -2.99 -8.18
N PRO B 89 1.90 -2.63 -8.57
CA PRO B 89 2.56 -3.31 -9.68
C PRO B 89 2.85 -4.78 -9.33
N ARG B 90 3.12 -5.60 -10.35
CA ARG B 90 3.86 -6.86 -10.19
C ARG B 90 5.34 -6.51 -9.94
N SER B 91 6.04 -7.25 -9.06
CA SER B 91 7.38 -6.90 -8.51
C SER B 91 8.40 -6.65 -9.63
N GLY B 92 8.50 -7.55 -10.61
CA GLY B 92 9.37 -7.43 -11.80
C GLY B 92 8.64 -6.81 -12.98
N LEU B 93 7.97 -5.67 -12.75
CA LEU B 93 7.13 -4.95 -13.74
C LEU B 93 7.44 -3.45 -13.66
N ALA B 94 7.15 -2.81 -12.51
CA ALA B 94 7.60 -1.45 -12.17
C ALA B 94 9.13 -1.44 -12.10
N ALA B 95 9.70 -2.61 -11.78
CA ALA B 95 11.15 -2.90 -11.80
C ALA B 95 11.79 -3.18 -13.17
N LYS B 96 11.56 -4.39 -13.72
CA LYS B 96 12.38 -4.95 -14.82
C LYS B 96 12.29 -4.11 -16.11
N HIS B 97 11.10 -3.58 -16.43
CA HIS B 97 10.80 -2.94 -17.73
C HIS B 97 10.54 -1.43 -17.57
N PHE B 98 10.92 -0.83 -16.44
CA PHE B 98 10.74 0.61 -16.11
C PHE B 98 9.29 1.03 -16.43
N ILE B 99 8.33 0.64 -15.59
CA ILE B 99 6.87 0.91 -15.79
C ILE B 99 6.25 1.51 -14.51
N ASP B 100 5.73 2.73 -14.58
CA ASP B 100 4.81 3.30 -13.55
C ASP B 100 3.48 2.54 -13.63
N VAL B 101 2.91 2.19 -12.48
CA VAL B 101 1.55 1.58 -12.35
C VAL B 101 0.73 2.45 -11.37
N GLY B 102 -0.19 3.24 -11.91
CA GLY B 102 -1.10 4.10 -11.12
C GLY B 102 -1.93 3.27 -10.15
N ALA B 103 -1.97 3.71 -8.87
CA ALA B 103 -2.75 3.09 -7.77
C ALA B 103 -4.22 2.97 -8.20
N GLY B 104 -4.62 3.80 -9.16
CA GLY B 104 -5.91 3.70 -9.89
C GLY B 104 -6.96 3.03 -9.03
N VAL B 105 -7.04 3.43 -7.75
CA VAL B 105 -7.79 2.75 -6.65
C VAL B 105 -9.18 2.37 -7.16
N ILE B 106 -9.77 1.33 -6.57
CA ILE B 106 -11.07 0.73 -7.00
C ILE B 106 -12.15 1.12 -5.98
N ASP B 107 -13.20 1.83 -6.40
CA ASP B 107 -14.40 2.14 -5.59
C ASP B 107 -15.22 0.86 -5.43
N GLU B 108 -15.96 0.72 -4.32
CA GLU B 108 -16.85 -0.44 -4.06
C GLU B 108 -18.24 -0.18 -4.67
N ASP B 109 -18.38 0.85 -5.52
CA ASP B 109 -19.56 1.08 -6.39
C ASP B 109 -19.17 0.96 -7.87
N TYR B 110 -17.90 0.62 -8.16
CA TYR B 110 -17.30 0.57 -9.52
C TYR B 110 -17.44 -0.85 -10.11
N ARG B 111 -18.37 -1.03 -11.05
CA ARG B 111 -18.64 -2.31 -11.78
C ARG B 111 -18.10 -2.21 -13.21
N GLY B 112 -17.21 -1.23 -13.46
CA GLY B 112 -16.49 -1.04 -14.72
C GLY B 112 -15.50 -2.16 -14.97
N ASN B 113 -15.14 -2.34 -16.24
CA ASN B 113 -14.01 -3.18 -16.70
C ASN B 113 -12.76 -2.67 -15.97
N VAL B 114 -12.17 -3.51 -15.14
CA VAL B 114 -10.96 -3.15 -14.36
C VAL B 114 -9.79 -3.01 -15.34
N GLY B 115 -9.32 -1.76 -15.49
CA GLY B 115 -8.10 -1.42 -16.25
C GLY B 115 -6.95 -1.10 -15.34
N VAL B 116 -5.72 -1.34 -15.78
CA VAL B 116 -4.46 -1.04 -15.05
C VAL B 116 -3.69 -0.04 -15.91
N VAL B 117 -3.40 1.14 -15.39
CA VAL B 117 -2.67 2.22 -16.13
C VAL B 117 -1.15 1.95 -16.05
N LEU B 118 -0.50 1.78 -17.20
CA LEU B 118 0.97 1.62 -17.33
C LEU B 118 1.52 2.85 -18.05
N PHE B 119 2.73 3.27 -17.69
CA PHE B 119 3.51 4.32 -18.42
C PHE B 119 4.96 3.84 -18.56
N ASN B 120 5.42 3.71 -19.81
CA ASN B 120 6.82 3.44 -20.18
C ASN B 120 7.67 4.69 -19.92
N PHE B 121 8.58 4.61 -18.95
CA PHE B 121 9.55 5.68 -18.58
C PHE B 121 10.97 5.24 -18.95
N GLY B 122 11.11 4.10 -19.64
CA GLY B 122 12.37 3.59 -20.23
C GLY B 122 12.46 3.93 -21.70
N LYS B 123 13.59 3.63 -22.33
CA LYS B 123 13.87 3.96 -23.76
C LYS B 123 13.63 2.75 -24.66
N GLU B 124 13.23 1.61 -24.09
CA GLU B 124 12.82 0.39 -24.84
C GLU B 124 11.33 0.11 -24.56
N LYS B 125 10.61 -0.33 -25.60
CA LYS B 125 9.15 -0.67 -25.54
C LYS B 125 8.94 -1.80 -24.54
N PHE B 126 7.76 -1.84 -23.92
CA PHE B 126 7.33 -2.91 -22.97
C PHE B 126 6.18 -3.69 -23.60
N GLU B 127 6.32 -5.01 -23.62
CA GLU B 127 5.37 -5.93 -24.31
C GLU B 127 4.51 -6.65 -23.27
N VAL B 128 3.19 -6.51 -23.41
CA VAL B 128 2.15 -7.23 -22.61
C VAL B 128 1.46 -8.22 -23.56
N LYS B 129 1.34 -9.48 -23.14
CA LYS B 129 0.57 -10.52 -23.85
C LYS B 129 -0.73 -10.82 -23.10
N LYS B 130 -1.74 -11.26 -23.84
CA LYS B 130 -3.02 -11.76 -23.29
C LYS B 130 -2.70 -12.84 -22.25
N GLY B 131 -3.23 -12.70 -21.03
CA GLY B 131 -2.98 -13.69 -19.97
C GLY B 131 -1.78 -13.33 -19.11
N ASP B 132 -0.99 -12.31 -19.43
CA ASP B 132 0.11 -11.84 -18.55
C ASP B 132 -0.46 -11.29 -17.23
N ARG B 133 0.20 -11.60 -16.11
CA ARG B 133 -0.01 -10.90 -14.83
C ARG B 133 0.59 -9.48 -14.94
N ILE B 134 -0.24 -8.45 -14.73
CA ILE B 134 0.13 -7.03 -14.98
C ILE B 134 0.13 -6.23 -13.67
N ALA B 135 -0.46 -6.75 -12.59
CA ALA B 135 -0.60 -6.00 -11.33
C ALA B 135 -1.12 -6.90 -10.22
N GLN B 136 -1.09 -6.35 -9.01
CA GLN B 136 -1.73 -6.96 -7.83
C GLN B 136 -2.86 -6.05 -7.41
N LEU B 137 -3.94 -6.63 -6.88
CA LEU B 137 -5.02 -5.87 -6.21
C LEU B 137 -4.86 -6.06 -4.70
N ILE B 138 -4.43 -4.99 -4.06
CA ILE B 138 -4.12 -4.92 -2.60
C ILE B 138 -5.35 -4.32 -1.91
N CYS B 139 -5.60 -4.74 -0.68
CA CYS B 139 -6.66 -4.26 0.19
C CYS B 139 -6.04 -3.47 1.34
N GLU B 140 -6.34 -2.17 1.42
CA GLU B 140 -5.99 -1.34 2.61
C GLU B 140 -7.23 -1.26 3.51
N ARG B 141 -7.01 -0.98 4.77
CA ARG B 141 -8.08 -0.91 5.77
C ARG B 141 -8.98 0.30 5.44
N ILE B 142 -10.27 0.16 5.70
CA ILE B 142 -11.33 1.19 5.40
C ILE B 142 -11.32 2.18 6.55
N PHE B 143 -11.40 1.66 7.78
CA PHE B 143 -11.49 2.42 9.05
C PHE B 143 -10.24 2.13 9.91
N TYR B 144 -9.47 3.16 10.24
CA TYR B 144 -8.28 3.07 11.15
C TYR B 144 -8.74 3.32 12.57
N PRO B 145 -8.62 2.32 13.49
CA PRO B 145 -9.06 2.48 14.87
C PRO B 145 -8.28 3.61 15.53
N GLU B 146 -8.84 4.20 16.57
CA GLU B 146 -8.08 5.32 17.17
C GLU B 146 -7.02 4.70 18.06
N ILE B 147 -6.14 5.56 18.53
CA ILE B 147 -4.83 5.21 19.13
C ILE B 147 -5.05 5.16 20.64
N GLU B 148 -4.41 4.20 21.32
CA GLU B 148 -4.41 4.09 22.79
C GLU B 148 -2.96 4.19 23.27
N GLU B 149 -2.72 5.07 24.23
CA GLU B 149 -1.37 5.20 24.82
C GLU B 149 -1.29 4.24 26.00
N VAL B 150 -0.15 3.58 26.14
CA VAL B 150 0.23 2.89 27.39
C VAL B 150 1.66 3.31 27.70
N GLN B 151 2.16 2.86 28.84
CA GLN B 151 3.50 3.21 29.34
C GLN B 151 4.52 2.27 28.72
N VAL B 152 4.22 0.97 28.72
CA VAL B 152 5.13 -0.07 28.14
C VAL B 152 4.26 -1.09 27.43
N LEU B 153 4.61 -1.45 26.21
CA LEU B 153 3.88 -2.53 25.51
C LEU B 153 4.33 -3.90 26.05
N ASP B 154 5.54 -4.36 25.72
CA ASP B 154 5.84 -5.82 25.62
C ASP B 154 5.31 -6.59 26.86
N ASP B 155 5.32 -5.97 28.04
CA ASP B 155 4.56 -6.40 29.24
C ASP B 155 3.37 -5.46 29.45
#